data_6BTQ
#
_entry.id   6BTQ
#
_cell.length_a   43.740
_cell.length_b   90.682
_cell.length_c   124.013
_cell.angle_alpha   90.000
_cell.angle_beta   90.000
_cell.angle_gamma   90.000
#
_symmetry.space_group_name_H-M   'P 21 21 21'
#
loop_
_entity.id
_entity.type
_entity.pdbx_description
1 polymer 'Bone morphogenetic protein 1'
2 non-polymer 'THIOCYANATE ION'
3 non-polymer 'ZINC ION'
4 non-polymer N~2~-[(2H-1,3-benzodioxol-5-yl)methyl]-N-hydroxy-N~2~-[(4-methoxyphenyl)sulfonyl]-3-thiophen-2-yl-D-alaninamide
5 non-polymer 1,2-ETHANEDIOL
6 water water
#
_entity_poly.entity_id   1
_entity_poly.type   'polypeptide(L)'
_entity_poly.pdbx_seq_one_letter_code
;(ACE)AATSRPERVWPDGVIPFVIGGNFTGSQRAVFRQAMRHWEKHTCVTFLERTDEDSYIVFTYRPCGCCSYVGRRGGG
PQAISIGKNCDKFGIVVHELGHVVGFWHEHTRPDRDRHVSIVRENIQPGQEYNFLKMEPQEVESLGETYDFDSIMHYARN
TFSRGIFLDTIVPKYEVNGVKPPIGQRTRLSKGDIAQARKLYKCPA
;
_entity_poly.pdbx_strand_id   A,B
#
loop_
_chem_comp.id
_chem_comp.type
_chem_comp.name
_chem_comp.formula
ACE non-polymer 'ACETYL GROUP' 'C2 H4 O'
E8S non-polymer N~2~-[(2H-1,3-benzodioxol-5-yl)methyl]-N-hydroxy-N~2~-[(4-methoxyphenyl)sulfonyl]-3-thiophen-2-yl-D-alaninamide 'C22 H22 N2 O7 S2'
EDO non-polymer 1,2-ETHANEDIOL 'C2 H6 O2'
SCN non-polymer 'THIOCYANATE ION' 'C N S -1'
ZN non-polymer 'ZINC ION' 'Zn 2'
#
# COMPACT_ATOMS: atom_id res chain seq x y z
C ACE A 1 -17.09 -14.42 5.37
O ACE A 1 -16.81 -15.61 5.37
CH3 ACE A 1 -18.40 -14.11 5.97
N ALA A 2 -16.29 -13.45 4.90
CA ALA A 2 -16.63 -11.99 5.02
C ALA A 2 -17.45 -11.50 3.82
N ALA A 3 -18.63 -12.11 3.58
CA ALA A 3 -19.46 -11.74 2.45
C ALA A 3 -20.19 -10.44 2.77
N THR A 4 -20.20 -9.53 1.81
CA THR A 4 -20.91 -8.26 1.98
C THR A 4 -22.37 -8.48 2.34
N SER A 5 -22.84 -7.66 3.27
CA SER A 5 -24.25 -7.62 3.63
C SER A 5 -25.09 -6.76 2.66
N ARG A 6 -24.43 -6.01 1.79
CA ARG A 6 -25.11 -5.00 0.97
C ARG A 6 -25.78 -5.64 -0.23
N PRO A 7 -27.13 -5.63 -0.28
CA PRO A 7 -27.79 -6.27 -1.42
C PRO A 7 -27.44 -5.66 -2.78
N GLU A 8 -27.25 -4.33 -2.81
CA GLU A 8 -26.89 -3.62 -4.04
C GLU A 8 -25.52 -4.04 -4.60
N ARG A 9 -24.67 -4.63 -3.75
CA ARG A 9 -23.35 -5.08 -4.17
C ARG A 9 -23.31 -6.48 -4.79
N VAL A 10 -24.43 -7.19 -4.79
CA VAL A 10 -24.49 -8.49 -5.44
C VAL A 10 -24.75 -8.21 -6.92
N TRP A 11 -23.91 -8.76 -7.80
CA TRP A 11 -24.08 -8.57 -9.24
C TRP A 11 -25.38 -9.26 -9.69
N PRO A 12 -26.34 -8.50 -10.27
CA PRO A 12 -27.62 -9.11 -10.63
C PRO A 12 -27.47 -10.32 -11.53
N ASP A 13 -28.15 -11.41 -11.17
CA ASP A 13 -28.10 -12.68 -11.88
C ASP A 13 -26.68 -13.28 -11.97
N GLY A 14 -25.77 -12.87 -11.10
CA GLY A 14 -24.38 -13.31 -11.16
C GLY A 14 -23.58 -12.90 -12.40
N VAL A 15 -24.10 -11.97 -13.19
CA VAL A 15 -23.47 -11.61 -14.46
C VAL A 15 -22.49 -10.48 -14.23
N ILE A 16 -21.22 -10.73 -14.53
CA ILE A 16 -20.14 -9.77 -14.31
C ILE A 16 -19.50 -9.41 -15.66
N PRO A 17 -19.86 -8.24 -16.22
CA PRO A 17 -19.20 -7.81 -17.46
C PRO A 17 -17.76 -7.39 -17.23
N PHE A 18 -16.88 -7.67 -18.18
CA PHE A 18 -15.46 -7.37 -18.04
C PHE A 18 -14.82 -6.80 -19.29
N VAL A 19 -13.73 -6.07 -19.07
CA VAL A 19 -12.88 -5.56 -20.12
C VAL A 19 -11.44 -5.90 -19.71
N ILE A 20 -10.66 -6.41 -20.67
CA ILE A 20 -9.24 -6.64 -20.43
C ILE A 20 -8.50 -5.47 -21.06
N GLY A 21 -7.80 -4.70 -20.23
CA GLY A 21 -7.01 -3.57 -20.71
C GLY A 21 -5.89 -4.02 -21.63
N GLY A 22 -5.33 -3.07 -22.37
CA GLY A 22 -4.16 -3.32 -23.20
C GLY A 22 -2.93 -3.55 -22.35
N ASN A 23 -1.81 -3.81 -23.03
CA ASN A 23 -0.50 -4.05 -22.40
C ASN A 23 -0.32 -5.44 -21.77
N PHE A 24 -1.39 -6.24 -21.72
CA PHE A 24 -1.28 -7.59 -21.18
C PHE A 24 -0.84 -8.54 -22.27
N THR A 25 0.10 -9.42 -21.92
CA THR A 25 0.54 -10.48 -22.83
C THR A 25 -0.56 -11.54 -22.92
N GLY A 26 -0.49 -12.36 -23.96
CA GLY A 26 -1.41 -13.48 -24.13
C GLY A 26 -1.37 -14.43 -22.94
N SER A 27 -0.17 -14.67 -22.43
CA SER A 27 0.04 -15.50 -21.24
C SER A 27 -0.76 -14.98 -20.04
N GLN A 28 -0.72 -13.67 -19.83
CA GLN A 28 -1.47 -13.03 -18.75
C GLN A 28 -2.98 -13.09 -18.99
N ARG A 29 -3.40 -12.89 -20.23
CA ARG A 29 -4.83 -12.98 -20.58
C ARG A 29 -5.35 -14.41 -20.31
N ALA A 30 -4.52 -15.42 -20.53
CA ALA A 30 -4.90 -16.81 -20.27
C ALA A 30 -5.17 -17.03 -18.78
N VAL A 31 -4.31 -16.45 -17.94
CA VAL A 31 -4.49 -16.53 -16.49
C VAL A 31 -5.83 -15.88 -16.08
N PHE A 32 -6.14 -14.71 -16.64
CA PHE A 32 -7.42 -14.06 -16.36
C PHE A 32 -8.60 -14.95 -16.73
N ARG A 33 -8.53 -15.56 -17.92
CA ARG A 33 -9.59 -16.49 -18.33
C ARG A 33 -9.65 -17.71 -17.42
N GLN A 34 -8.50 -18.27 -17.07
CA GLN A 34 -8.46 -19.41 -16.14
C GLN A 34 -9.14 -19.07 -14.83
N ALA A 35 -8.86 -17.88 -14.32
CA ALA A 35 -9.42 -17.43 -13.03
C ALA A 35 -10.94 -17.25 -13.11
N MET A 36 -11.39 -16.58 -14.17
CA MET A 36 -12.82 -16.41 -14.42
C MET A 36 -13.54 -17.73 -14.63
N ARG A 37 -12.97 -18.63 -15.45
CA ARG A 37 -13.61 -19.96 -15.66
C ARG A 37 -13.67 -20.79 -14.37
N HIS A 38 -12.65 -20.66 -13.51
CA HIS A 38 -12.64 -21.33 -12.22
C HIS A 38 -13.85 -20.92 -11.38
N TRP A 39 -14.10 -19.61 -11.29
CA TRP A 39 -15.33 -19.12 -10.65
C TRP A 39 -16.61 -19.63 -11.32
N GLU A 40 -16.64 -19.61 -12.65
CA GLU A 40 -17.81 -20.08 -13.42
C GLU A 40 -18.10 -21.56 -13.22
N LYS A 41 -17.04 -22.35 -13.08
CA LYS A 41 -17.20 -23.79 -13.01
C LYS A 41 -17.64 -24.28 -11.65
N HIS A 42 -17.45 -23.47 -10.60
CA HIS A 42 -17.86 -23.84 -9.24
C HIS A 42 -19.09 -23.09 -8.70
N THR A 43 -19.50 -22.02 -9.39
CA THR A 43 -20.64 -21.19 -8.95
C THR A 43 -21.48 -20.80 -10.16
N CYS A 44 -22.62 -20.14 -9.92
CA CYS A 44 -23.48 -19.65 -11.00
C CYS A 44 -23.07 -18.26 -11.52
N VAL A 45 -21.95 -17.73 -11.03
CA VAL A 45 -21.40 -16.46 -11.52
C VAL A 45 -20.94 -16.66 -12.96
N THR A 46 -21.16 -15.66 -13.81
CA THR A 46 -20.70 -15.68 -15.19
C THR A 46 -20.02 -14.38 -15.58
N PHE A 47 -19.02 -14.49 -16.44
CA PHE A 47 -18.28 -13.35 -16.95
C PHE A 47 -18.58 -13.16 -18.43
N LEU A 48 -18.85 -11.91 -18.80
CA LEU A 48 -19.32 -11.55 -20.13
C LEU A 48 -18.46 -10.39 -20.61
N GLU A 49 -18.01 -10.41 -21.86
CA GLU A 49 -17.30 -9.26 -22.41
C GLU A 49 -18.24 -8.06 -22.43
N ARG A 50 -17.80 -6.95 -21.85
CA ARG A 50 -18.64 -5.76 -21.70
C ARG A 50 -18.93 -5.11 -23.06
N THR A 51 -20.15 -4.62 -23.23
CA THR A 51 -20.56 -3.88 -24.41
C THR A 51 -20.98 -2.47 -23.99
N ASP A 52 -22.17 -2.33 -23.41
CA ASP A 52 -22.72 -1.04 -22.99
C ASP A 52 -23.14 -0.97 -21.51
N GLU A 53 -22.74 -1.97 -20.70
CA GLU A 53 -23.15 -2.02 -19.29
C GLU A 53 -22.47 -0.89 -18.51
N ASP A 54 -23.20 -0.29 -17.58
CA ASP A 54 -22.67 0.77 -16.73
C ASP A 54 -21.64 0.25 -15.73
N SER A 55 -21.94 -0.91 -15.12
CA SER A 55 -21.05 -1.54 -14.14
C SER A 55 -20.31 -2.71 -14.78
N TYR A 56 -18.98 -2.71 -14.65
CA TYR A 56 -18.15 -3.78 -15.20
C TYR A 56 -16.77 -3.71 -14.56
N ILE A 57 -16.04 -4.82 -14.67
CA ILE A 57 -14.66 -4.89 -14.14
C ILE A 57 -13.65 -4.65 -15.25
N VAL A 58 -12.53 -4.01 -14.90
CA VAL A 58 -11.49 -3.67 -15.86
C VAL A 58 -10.18 -4.24 -15.34
N PHE A 59 -9.65 -5.22 -16.05
CA PHE A 59 -8.33 -5.77 -15.73
C PHE A 59 -7.32 -4.70 -16.12
N THR A 60 -6.62 -4.18 -15.12
CA THR A 60 -5.74 -3.03 -15.32
C THR A 60 -4.34 -3.39 -14.86
N TYR A 61 -3.35 -3.00 -15.66
CA TYR A 61 -1.96 -3.33 -15.39
C TYR A 61 -1.38 -2.22 -14.54
N ARG A 62 -1.30 -2.45 -13.22
CA ARG A 62 -0.79 -1.44 -12.28
C ARG A 62 0.03 -2.12 -11.18
N PRO A 63 0.91 -1.35 -10.49
CA PRO A 63 1.66 -1.87 -9.33
C PRO A 63 0.76 -2.52 -8.26
N CYS A 64 1.27 -3.59 -7.65
CA CYS A 64 0.50 -4.36 -6.68
C CYS A 64 0.26 -3.57 -5.38
N GLY A 65 -0.89 -3.81 -4.75
CA GLY A 65 -1.27 -3.13 -3.51
C GLY A 65 -2.76 -2.85 -3.38
N CYS A 66 -3.17 -2.46 -2.18
CA CYS A 66 -4.54 -1.97 -1.89
C CYS A 66 -4.93 -0.86 -2.90
N CYS A 67 -6.19 -0.72 -3.32
CA CYS A 67 -7.37 -1.47 -2.83
C CYS A 67 -8.31 -1.78 -4.00
N SER A 68 -9.15 -2.81 -3.82
CA SER A 68 -10.16 -3.21 -4.79
C SER A 68 -11.53 -2.85 -4.27
N TYR A 69 -12.48 -2.61 -5.17
CA TYR A 69 -13.88 -2.47 -4.77
C TYR A 69 -14.43 -3.88 -4.46
N VAL A 70 -15.12 -4.01 -3.34
CA VAL A 70 -15.73 -5.29 -2.96
C VAL A 70 -17.18 -5.30 -3.43
N GLY A 71 -17.54 -6.27 -4.27
CA GLY A 71 -18.90 -6.33 -4.83
C GLY A 71 -19.07 -5.37 -6.00
N ARG A 72 -20.30 -5.23 -6.46
CA ARG A 72 -20.60 -4.39 -7.62
C ARG A 72 -20.65 -2.92 -7.24
N ARG A 73 -19.79 -2.12 -7.87
CA ARG A 73 -19.85 -0.66 -7.76
C ARG A 73 -20.95 -0.15 -8.68
N GLY A 74 -21.89 0.61 -8.13
CA GLY A 74 -22.97 1.19 -8.93
C GLY A 74 -22.50 2.35 -9.81
N GLY A 75 -23.01 2.41 -11.04
CA GLY A 75 -22.85 3.58 -11.91
C GLY A 75 -21.46 3.90 -12.45
N GLY A 76 -20.63 2.88 -12.61
CA GLY A 76 -19.30 3.06 -13.20
C GLY A 76 -18.43 1.83 -13.01
N PRO A 77 -17.35 1.73 -13.81
CA PRO A 77 -16.48 0.56 -13.73
C PRO A 77 -15.63 0.51 -12.46
N GLN A 78 -15.04 -0.66 -12.22
CA GLN A 78 -14.14 -0.87 -11.10
C GLN A 78 -12.93 -1.65 -11.59
N ALA A 79 -11.75 -1.25 -11.12
CA ALA A 79 -10.51 -1.84 -11.57
C ALA A 79 -10.21 -3.11 -10.78
N ILE A 80 -9.69 -4.11 -11.48
CA ILE A 80 -9.09 -5.28 -10.87
C ILE A 80 -7.64 -5.20 -11.35
N SER A 81 -6.75 -4.84 -10.41
CA SER A 81 -5.39 -4.43 -10.73
C SER A 81 -4.42 -5.59 -10.64
N ILE A 82 -3.60 -5.75 -11.67
CA ILE A 82 -2.60 -6.82 -11.76
CA ILE A 82 -2.58 -6.82 -11.68
C ILE A 82 -1.22 -6.19 -11.97
N GLY A 83 -0.21 -6.65 -11.23
CA GLY A 83 1.16 -6.17 -11.39
C GLY A 83 2.11 -7.34 -11.58
N LYS A 84 3.39 -7.02 -11.80
CA LYS A 84 4.43 -8.02 -12.05
C LYS A 84 4.47 -9.11 -10.98
N ASN A 85 4.30 -8.72 -9.72
CA ASN A 85 4.39 -9.63 -8.58
C ASN A 85 3.04 -10.05 -7.98
N CYS A 86 1.94 -9.80 -8.69
CA CYS A 86 0.60 -10.26 -8.27
C CYS A 86 -0.27 -10.62 -9.49
N ASP A 87 0.28 -11.45 -10.38
CA ASP A 87 -0.40 -11.82 -11.63
C ASP A 87 -0.77 -13.30 -11.76
N LYS A 88 -0.44 -14.11 -10.75
CA LYS A 88 -0.65 -15.55 -10.84
C LYS A 88 -2.12 -15.91 -10.61
N PHE A 89 -2.49 -17.08 -11.12
CA PHE A 89 -3.85 -17.63 -11.05
C PHE A 89 -4.52 -17.39 -9.69
N GLY A 90 -3.86 -17.83 -8.63
CA GLY A 90 -4.46 -17.79 -7.29
C GLY A 90 -4.77 -16.39 -6.79
N ILE A 91 -3.89 -15.45 -7.12
CA ILE A 91 -4.10 -14.05 -6.78
C ILE A 91 -5.26 -13.46 -7.56
N VAL A 92 -5.39 -13.82 -8.84
CA VAL A 92 -6.50 -13.31 -9.65
C VAL A 92 -7.82 -13.91 -9.15
N VAL A 93 -7.80 -15.18 -8.74
CA VAL A 93 -9.00 -15.81 -8.18
C VAL A 93 -9.44 -15.04 -6.91
N HIS A 94 -8.46 -14.75 -6.05
CA HIS A 94 -8.69 -13.93 -4.84
C HIS A 94 -9.30 -12.58 -5.18
N GLU A 95 -8.71 -11.86 -6.13
CA GLU A 95 -9.20 -10.55 -6.52
CA GLU A 95 -9.20 -10.55 -6.52
C GLU A 95 -10.64 -10.62 -7.06
N LEU A 96 -10.93 -11.69 -7.81
CA LEU A 96 -12.31 -11.94 -8.27
C LEU A 96 -13.25 -12.24 -7.10
N GLY A 97 -12.72 -12.85 -6.05
CA GLY A 97 -13.44 -12.93 -4.77
C GLY A 97 -13.90 -11.57 -4.23
N HIS A 98 -13.02 -10.58 -4.29
CA HIS A 98 -13.42 -9.21 -3.93
C HIS A 98 -14.54 -8.73 -4.87
N VAL A 99 -14.34 -8.91 -6.18
CA VAL A 99 -15.35 -8.49 -7.18
C VAL A 99 -16.73 -9.06 -6.84
N VAL A 100 -16.80 -10.34 -6.52
CA VAL A 100 -18.11 -10.98 -6.31
C VAL A 100 -18.76 -10.59 -4.98
N GLY A 101 -17.98 -10.08 -4.03
CA GLY A 101 -18.52 -9.53 -2.78
C GLY A 101 -17.89 -9.96 -1.47
N PHE A 102 -16.69 -10.53 -1.51
CA PHE A 102 -16.02 -10.96 -0.28
C PHE A 102 -14.92 -9.98 0.16
N TRP A 103 -14.95 -9.63 1.44
CA TRP A 103 -13.83 -8.99 2.11
C TRP A 103 -12.86 -10.07 2.55
N HIS A 104 -11.74 -9.66 3.15
CA HIS A 104 -10.77 -10.64 3.67
C HIS A 104 -11.35 -11.44 4.84
N GLU A 105 -11.16 -12.76 4.80
CA GLU A 105 -11.74 -13.68 5.77
C GLU A 105 -11.43 -13.32 7.23
N HIS A 106 -10.20 -12.90 7.50
CA HIS A 106 -9.76 -12.57 8.86
C HIS A 106 -10.40 -11.28 9.42
N THR A 107 -11.13 -10.54 8.58
CA THR A 107 -11.89 -9.35 9.02
C THR A 107 -13.38 -9.64 9.29
N ARG A 108 -13.78 -10.91 9.24
CA ARG A 108 -15.13 -11.29 9.67
C ARG A 108 -15.42 -10.75 11.07
N PRO A 109 -16.65 -10.28 11.31
CA PRO A 109 -17.03 -9.80 12.66
C PRO A 109 -16.80 -10.82 13.79
N ASP A 110 -16.85 -12.12 13.48
CA ASP A 110 -16.63 -13.18 14.48
C ASP A 110 -15.19 -13.70 14.53
N ARG A 111 -14.25 -13.01 13.87
CA ARG A 111 -12.89 -13.54 13.69
C ARG A 111 -12.12 -13.75 14.99
N ASP A 112 -12.45 -13.00 16.05
CA ASP A 112 -11.72 -13.13 17.31
C ASP A 112 -11.92 -14.48 18.01
N ARG A 113 -12.95 -15.23 17.62
CA ARG A 113 -13.10 -16.61 18.08
C ARG A 113 -12.13 -17.56 17.40
N HIS A 114 -11.57 -17.16 16.28
CA HIS A 114 -10.87 -18.06 15.36
C HIS A 114 -9.38 -17.76 15.20
N VAL A 115 -9.01 -16.48 15.21
CA VAL A 115 -7.62 -16.07 15.09
C VAL A 115 -7.26 -15.01 16.12
N SER A 116 -5.97 -14.96 16.46
CA SER A 116 -5.38 -13.84 17.20
C SER A 116 -4.63 -12.96 16.21
N ILE A 117 -4.74 -11.65 16.40
CA ILE A 117 -3.94 -10.69 15.63
C ILE A 117 -2.80 -10.25 16.54
N VAL A 118 -1.57 -10.35 16.05
CA VAL A 118 -0.40 -9.98 16.85
C VAL A 118 -0.03 -8.56 16.45
N ARG A 119 -0.63 -7.59 17.14
CA ARG A 119 -0.52 -6.17 16.76
C ARG A 119 0.90 -5.65 16.65
N GLU A 120 1.73 -6.06 17.60
CA GLU A 120 3.13 -5.63 17.67
C GLU A 120 3.98 -6.03 16.45
N ASN A 121 3.52 -7.01 15.66
CA ASN A 121 4.21 -7.44 14.44
C ASN A 121 3.70 -6.80 13.15
N ILE A 122 2.63 -5.99 13.22
CA ILE A 122 2.10 -5.34 12.01
C ILE A 122 2.99 -4.17 11.59
N GLN A 123 3.26 -4.05 10.29
CA GLN A 123 3.95 -2.88 9.72
C GLN A 123 3.21 -1.61 10.13
N PRO A 124 3.91 -0.65 10.77
CA PRO A 124 3.23 0.61 11.11
C PRO A 124 2.55 1.27 9.90
N GLY A 125 1.31 1.71 10.10
CA GLY A 125 0.49 2.26 9.03
C GLY A 125 -0.39 1.26 8.30
N GLN A 126 -0.14 -0.03 8.48
CA GLN A 126 -0.89 -1.08 7.78
C GLN A 126 -1.89 -1.81 8.69
N GLU A 127 -2.10 -1.28 9.91
CA GLU A 127 -2.98 -1.91 10.88
C GLU A 127 -4.44 -2.02 10.39
N TYR A 128 -4.88 -1.09 9.54
CA TYR A 128 -6.23 -1.14 8.95
C TYR A 128 -6.57 -2.44 8.20
N ASN A 129 -5.54 -3.09 7.67
CA ASN A 129 -5.64 -4.44 7.09
C ASN A 129 -6.25 -5.49 8.03
N PHE A 130 -6.16 -5.25 9.35
CA PHE A 130 -6.56 -6.22 10.36
C PHE A 130 -7.81 -5.81 11.17
N LEU A 131 -8.36 -4.64 10.89
CA LEU A 131 -9.57 -4.19 11.55
C LEU A 131 -10.76 -5.06 11.10
N LYS A 132 -11.56 -5.51 12.06
CA LYS A 132 -12.78 -6.24 11.73
C LYS A 132 -13.71 -5.35 10.94
N MET A 133 -14.40 -5.97 9.98
CA MET A 133 -15.56 -5.35 9.36
C MET A 133 -16.57 -5.09 10.47
N GLU A 134 -17.29 -3.98 10.37
CA GLU A 134 -18.34 -3.69 11.33
C GLU A 134 -19.45 -4.75 11.13
N PRO A 135 -20.11 -5.15 12.23
CA PRO A 135 -21.01 -6.31 12.16
C PRO A 135 -22.11 -6.17 11.10
N GLN A 136 -22.61 -4.96 10.88
CA GLN A 136 -23.65 -4.73 9.86
C GLN A 136 -23.17 -4.79 8.41
N GLU A 137 -21.85 -4.81 8.19
CA GLU A 137 -21.29 -4.84 6.84
C GLU A 137 -21.10 -6.23 6.27
N VAL A 138 -21.23 -7.25 7.12
CA VAL A 138 -21.00 -8.63 6.72
C VAL A 138 -22.20 -9.51 7.11
N GLU A 139 -22.63 -10.35 6.17
CA GLU A 139 -23.60 -11.40 6.43
C GLU A 139 -22.96 -12.69 5.96
N SER A 140 -22.56 -13.54 6.91
CA SER A 140 -21.83 -14.76 6.58
C SER A 140 -22.69 -15.92 6.03
N LEU A 141 -24.01 -15.73 6.01
CA LEU A 141 -24.94 -16.69 5.41
C LEU A 141 -24.89 -18.07 6.10
N GLY A 142 -24.68 -18.05 7.42
CA GLY A 142 -24.61 -19.26 8.21
C GLY A 142 -23.37 -20.11 8.05
N GLU A 143 -22.35 -19.58 7.40
CA GLU A 143 -21.13 -20.31 7.10
C GLU A 143 -20.07 -20.02 8.12
N THR A 144 -19.36 -21.07 8.53
CA THR A 144 -18.33 -20.93 9.55
C THR A 144 -17.07 -20.30 9.00
N TYR A 145 -16.29 -19.70 9.90
CA TYR A 145 -14.97 -19.13 9.59
C TYR A 145 -14.11 -20.13 8.83
N ASP A 146 -13.59 -19.73 7.68
CA ASP A 146 -12.90 -20.63 6.75
C ASP A 146 -11.40 -20.34 6.70
N PHE A 147 -10.63 -21.12 7.45
CA PHE A 147 -9.17 -20.99 7.44
C PHE A 147 -8.58 -21.27 6.06
N ASP A 148 -9.26 -22.11 5.28
CA ASP A 148 -8.80 -22.48 3.91
C ASP A 148 -9.22 -21.49 2.81
N SER A 149 -9.95 -20.42 3.17
CA SER A 149 -10.47 -19.49 2.17
C SER A 149 -9.37 -18.88 1.33
N ILE A 150 -9.62 -18.76 0.03
CA ILE A 150 -8.76 -17.99 -0.86
C ILE A 150 -8.66 -16.53 -0.43
N MET A 151 -9.62 -16.06 0.40
CA MET A 151 -9.64 -14.69 0.90
C MET A 151 -8.92 -14.51 2.26
N HIS A 152 -8.30 -15.56 2.79
CA HIS A 152 -7.62 -15.47 4.09
C HIS A 152 -6.16 -15.05 3.93
N TYR A 153 -5.71 -14.09 4.73
CA TYR A 153 -4.29 -13.71 4.76
C TYR A 153 -3.42 -14.86 5.26
N ALA A 154 -2.15 -14.80 4.90
CA ALA A 154 -1.16 -15.71 5.44
C ALA A 154 -0.80 -15.29 6.85
N ARG A 155 -0.04 -16.15 7.52
CA ARG A 155 0.41 -15.93 8.90
C ARG A 155 1.24 -14.66 9.12
N ASN A 156 1.92 -14.20 8.08
CA ASN A 156 2.90 -13.10 8.19
C ASN A 156 2.64 -11.97 7.18
N THR A 157 1.39 -11.84 6.73
CA THR A 157 1.03 -10.77 5.80
C THR A 157 1.11 -9.43 6.53
N PHE A 158 1.71 -8.44 5.88
CA PHE A 158 2.00 -7.13 6.46
C PHE A 158 2.75 -7.15 7.79
N SER A 159 3.66 -8.11 7.94
CA SER A 159 4.46 -8.26 9.14
C SER A 159 5.74 -7.46 9.03
N ARG A 160 6.30 -7.12 10.19
CA ARG A 160 7.61 -6.48 10.28
CA ARG A 160 7.61 -6.47 10.28
C ARG A 160 8.73 -7.43 9.82
N GLY A 161 8.46 -8.73 9.80
CA GLY A 161 9.46 -9.70 9.34
C GLY A 161 8.85 -11.01 8.92
N ILE A 162 9.55 -11.74 8.05
CA ILE A 162 9.03 -13.00 7.51
CA ILE A 162 9.05 -13.01 7.50
C ILE A 162 8.76 -14.04 8.60
N PHE A 163 9.60 -14.07 9.63
CA PHE A 163 9.44 -15.04 10.72
C PHE A 163 8.55 -14.56 11.86
N LEU A 164 7.94 -13.38 11.74
CA LEU A 164 7.03 -12.85 12.75
C LEU A 164 5.61 -12.93 12.24
N ASP A 165 4.75 -13.62 12.97
CA ASP A 165 3.34 -13.76 12.62
C ASP A 165 2.52 -12.52 13.00
N THR A 166 1.64 -12.11 12.09
CA THR A 166 0.58 -11.16 12.37
C THR A 166 -0.76 -11.85 12.66
N ILE A 167 -0.93 -13.09 12.20
CA ILE A 167 -2.18 -13.84 12.44
C ILE A 167 -1.85 -15.25 12.93
N VAL A 168 -2.45 -15.64 14.05
CA VAL A 168 -2.25 -16.96 14.63
C VAL A 168 -3.61 -17.60 14.93
N PRO A 169 -3.96 -18.69 14.22
CA PRO A 169 -5.19 -19.41 14.56
C PRO A 169 -5.21 -19.81 16.03
N LYS A 170 -6.37 -19.71 16.66
CA LYS A 170 -6.50 -19.89 18.10
C LYS A 170 -6.49 -21.35 18.54
N TYR A 171 -6.91 -22.25 17.66
CA TYR A 171 -7.13 -23.64 18.06
C TYR A 171 -6.71 -24.64 17.00
N GLU A 172 -6.65 -25.90 17.40
CA GLU A 172 -6.25 -26.99 16.52
C GLU A 172 -7.44 -27.54 15.74
N VAL A 173 -7.16 -27.90 14.49
CA VAL A 173 -8.09 -28.65 13.65
C VAL A 173 -7.29 -29.82 13.10
N ASN A 174 -7.82 -31.04 13.28
CA ASN A 174 -7.09 -32.27 12.96
C ASN A 174 -5.67 -32.28 13.57
N GLY A 175 -5.60 -31.88 14.84
CA GLY A 175 -4.39 -32.00 15.65
C GLY A 175 -3.37 -30.88 15.52
N VAL A 176 -3.58 -29.93 14.61
CA VAL A 176 -2.62 -28.85 14.38
C VAL A 176 -3.35 -27.53 14.17
N LYS A 177 -2.65 -26.42 14.39
CA LYS A 177 -3.21 -25.11 14.02
C LYS A 177 -3.40 -25.11 12.50
N PRO A 178 -4.58 -24.68 12.03
CA PRO A 178 -4.85 -24.75 10.59
C PRO A 178 -3.97 -23.84 9.76
N PRO A 179 -3.46 -24.35 8.62
CA PRO A 179 -2.74 -23.48 7.69
C PRO A 179 -3.65 -22.41 7.09
N ILE A 180 -3.09 -21.22 6.89
CA ILE A 180 -3.84 -20.09 6.36
C ILE A 180 -3.06 -19.41 5.23
N GLY A 181 -3.79 -18.87 4.27
CA GLY A 181 -3.21 -18.08 3.20
C GLY A 181 -2.96 -18.84 1.91
N GLN A 182 -3.66 -19.95 1.70
CA GLN A 182 -3.53 -20.72 0.45
C GLN A 182 -4.03 -19.90 -0.73
N ARG A 183 -3.30 -19.99 -1.85
CA ARG A 183 -3.67 -19.33 -3.09
C ARG A 183 -3.61 -20.32 -4.26
N THR A 184 -4.20 -21.49 -4.03
CA THR A 184 -4.22 -22.57 -5.00
C THR A 184 -5.54 -22.58 -5.76
N ARG A 185 -6.65 -22.47 -5.04
CA ARG A 185 -7.98 -22.62 -5.62
C ARG A 185 -9.02 -22.16 -4.60
N LEU A 186 -10.25 -22.00 -5.06
CA LEU A 186 -11.38 -21.78 -4.17
C LEU A 186 -11.52 -22.94 -3.21
N SER A 187 -11.74 -22.62 -1.93
CA SER A 187 -11.99 -23.64 -0.91
C SER A 187 -13.42 -24.14 -1.02
N LYS A 188 -13.68 -25.26 -0.36
CA LYS A 188 -15.05 -25.78 -0.23
C LYS A 188 -15.95 -24.71 0.39
N GLY A 189 -15.43 -24.01 1.40
CA GLY A 189 -16.13 -22.91 2.06
C GLY A 189 -16.43 -21.72 1.17
N ASP A 190 -15.44 -21.31 0.36
CA ASP A 190 -15.63 -20.20 -0.58
C ASP A 190 -16.79 -20.50 -1.52
N ILE A 191 -16.80 -21.73 -2.03
CA ILE A 191 -17.79 -22.16 -3.01
C ILE A 191 -19.20 -22.24 -2.39
N ALA A 192 -19.31 -22.90 -1.24
CA ALA A 192 -20.58 -22.99 -0.52
C ALA A 192 -21.17 -21.62 -0.20
N GLN A 193 -20.31 -20.70 0.25
CA GLN A 193 -20.74 -19.37 0.63
C GLN A 193 -21.11 -18.50 -0.59
N ALA A 194 -20.30 -18.58 -1.65
CA ALA A 194 -20.60 -17.87 -2.91
C ALA A 194 -21.92 -18.34 -3.52
N ARG A 195 -22.16 -19.64 -3.47
CA ARG A 195 -23.43 -20.21 -3.95
C ARG A 195 -24.63 -19.66 -3.18
N LYS A 196 -24.49 -19.49 -1.87
CA LYS A 196 -25.55 -18.87 -1.04
C LYS A 196 -25.74 -17.41 -1.40
N LEU A 197 -24.64 -16.68 -1.47
CA LEU A 197 -24.66 -15.26 -1.83
C LEU A 197 -25.35 -14.98 -3.17
N TYR A 198 -25.11 -15.83 -4.16
CA TYR A 198 -25.69 -15.67 -5.50
C TYR A 198 -26.94 -16.53 -5.74
N LYS A 199 -27.42 -17.20 -4.69
CA LYS A 199 -28.65 -17.98 -4.73
C LYS A 199 -28.63 -18.98 -5.89
N CYS A 200 -27.51 -19.67 -6.02
CA CYS A 200 -27.27 -20.55 -7.17
C CYS A 200 -28.17 -21.78 -7.09
N PRO A 201 -28.73 -22.21 -8.25
CA PRO A 201 -29.52 -23.45 -8.32
C PRO A 201 -28.74 -24.69 -7.87
N ALA A 202 -29.38 -25.55 -7.08
CA ALA A 202 -28.76 -26.76 -6.55
C ALA A 202 -28.60 -27.83 -7.63
C ACE B 1 5.08 17.90 -3.41
O ACE B 1 4.58 16.99 -4.05
CH3 ACE B 1 5.09 19.22 -4.05
N ALA B 2 5.62 17.77 -2.19
CA ALA B 2 6.19 18.90 -1.39
C ALA B 2 7.70 19.08 -1.67
N ALA B 3 8.07 19.33 -2.94
CA ALA B 3 9.45 19.55 -3.34
C ALA B 3 9.90 20.93 -2.90
N THR B 4 11.12 21.02 -2.38
CA THR B 4 11.68 22.30 -1.96
C THR B 4 11.70 23.32 -3.10
N SER B 5 11.38 24.57 -2.75
CA SER B 5 11.50 25.70 -3.67
C SER B 5 12.92 26.26 -3.76
N ARG B 6 13.81 25.81 -2.87
CA ARG B 6 15.09 26.47 -2.65
C ARG B 6 16.19 25.85 -3.52
N PRO B 7 16.70 26.60 -4.53
CA PRO B 7 17.76 26.04 -5.38
C PRO B 7 19.03 25.62 -4.64
N GLU B 8 19.37 26.34 -3.58
CA GLU B 8 20.55 25.97 -2.76
C GLU B 8 20.44 24.60 -2.09
N ARG B 9 19.21 24.12 -1.86
CA ARG B 9 18.99 22.79 -1.28
C ARG B 9 19.03 21.63 -2.26
N VAL B 10 19.06 21.91 -3.55
CA VAL B 10 19.15 20.88 -4.57
C VAL B 10 20.62 20.48 -4.71
N TRP B 11 20.93 19.20 -4.55
CA TRP B 11 22.32 18.74 -4.61
C TRP B 11 22.91 18.99 -6.01
N PRO B 12 24.05 19.73 -6.09
CA PRO B 12 24.62 20.02 -7.42
C PRO B 12 24.84 18.77 -8.28
N ASP B 13 24.37 18.86 -9.53
CA ASP B 13 24.38 17.77 -10.52
CA ASP B 13 24.44 17.77 -10.50
C ASP B 13 23.80 16.45 -10.03
N GLY B 14 22.93 16.51 -9.01
CA GLY B 14 22.33 15.31 -8.43
C GLY B 14 23.28 14.39 -7.70
N VAL B 15 24.47 14.88 -7.35
CA VAL B 15 25.51 14.05 -6.76
C VAL B 15 25.40 14.14 -5.25
N ILE B 16 25.20 12.99 -4.61
CA ILE B 16 25.01 12.92 -3.16
C ILE B 16 26.04 11.96 -2.56
N PRO B 17 27.17 12.50 -2.10
CA PRO B 17 28.14 11.62 -1.44
C PRO B 17 27.63 11.12 -0.09
N PHE B 18 28.02 9.90 0.28
CA PHE B 18 27.59 9.32 1.55
C PHE B 18 28.70 8.60 2.29
N VAL B 19 28.49 8.48 3.60
CA VAL B 19 29.28 7.63 4.49
C VAL B 19 28.30 6.78 5.28
N ILE B 20 28.63 5.52 5.47
CA ILE B 20 27.89 4.69 6.41
C ILE B 20 28.67 4.65 7.71
N GLY B 21 28.00 5.06 8.80
CA GLY B 21 28.57 5.07 10.13
C GLY B 21 28.77 3.68 10.71
N GLY B 22 29.28 3.64 11.92
CA GLY B 22 29.57 2.41 12.62
C GLY B 22 28.35 1.72 13.20
N ASN B 23 28.55 0.44 13.50
CA ASN B 23 27.61 -0.40 14.24
C ASN B 23 26.33 -0.77 13.49
N PHE B 24 26.41 -0.83 12.16
CA PHE B 24 25.38 -1.47 11.35
C PHE B 24 25.86 -2.87 10.93
N THR B 25 24.92 -3.79 10.74
CA THR B 25 25.24 -5.10 10.16
C THR B 25 25.47 -4.98 8.66
N GLY B 26 26.20 -5.93 8.09
CA GLY B 26 26.39 -6.00 6.63
C GLY B 26 25.08 -6.03 5.86
N SER B 27 24.07 -6.66 6.46
CA SER B 27 22.71 -6.68 5.93
C SER B 27 22.06 -5.30 5.93
N GLN B 28 22.15 -4.58 7.06
CA GLN B 28 21.63 -3.20 7.16
C GLN B 28 22.28 -2.26 6.17
N ARG B 29 23.60 -2.40 6.02
CA ARG B 29 24.35 -1.61 5.04
C ARG B 29 23.91 -1.95 3.60
N ALA B 30 23.59 -3.21 3.35
CA ALA B 30 23.10 -3.62 2.03
C ALA B 30 21.74 -3.00 1.69
N VAL B 31 20.89 -2.86 2.70
CA VAL B 31 19.59 -2.18 2.55
C VAL B 31 19.81 -0.70 2.21
N PHE B 32 20.75 -0.04 2.88
CA PHE B 32 21.07 1.36 2.54
C PHE B 32 21.49 1.46 1.08
N ARG B 33 22.36 0.56 0.64
CA ARG B 33 22.81 0.59 -0.74
C ARG B 33 21.71 0.32 -1.76
N GLN B 34 20.80 -0.60 -1.44
CA GLN B 34 19.68 -0.88 -2.33
C GLN B 34 18.70 0.31 -2.39
N ALA B 35 18.48 0.98 -1.26
CA ALA B 35 17.66 2.19 -1.23
C ALA B 35 18.25 3.30 -2.10
N MET B 36 19.55 3.53 -1.99
CA MET B 36 20.22 4.48 -2.87
C MET B 36 20.16 4.08 -4.35
N ARG B 37 20.42 2.80 -4.65
CA ARG B 37 20.36 2.35 -6.05
C ARG B 37 18.95 2.47 -6.64
N HIS B 38 17.92 2.31 -5.80
CA HIS B 38 16.52 2.46 -6.22
C HIS B 38 16.24 3.90 -6.71
N TRP B 39 16.70 4.88 -5.93
CA TRP B 39 16.68 6.27 -6.36
C TRP B 39 17.45 6.47 -7.69
N GLU B 40 18.63 5.88 -7.77
CA GLU B 40 19.47 5.98 -8.97
C GLU B 40 18.86 5.35 -10.21
N LYS B 41 18.12 4.26 -10.01
CA LYS B 41 17.49 3.55 -11.12
C LYS B 41 16.39 4.37 -11.79
N HIS B 42 15.63 5.13 -11.00
CA HIS B 42 14.45 5.82 -11.50
C HIS B 42 14.64 7.32 -11.72
N THR B 43 15.77 7.87 -11.29
CA THR B 43 16.07 9.29 -11.46
C THR B 43 17.53 9.48 -11.89
N CYS B 44 17.96 10.73 -12.04
CA CYS B 44 19.35 11.03 -12.40
C CYS B 44 20.26 11.31 -11.19
N VAL B 45 19.77 11.09 -9.96
CA VAL B 45 20.58 11.29 -8.75
CA VAL B 45 20.61 11.31 -8.77
C VAL B 45 21.67 10.22 -8.69
N THR B 46 22.84 10.57 -8.17
CA THR B 46 23.98 9.66 -8.05
C THR B 46 24.48 9.69 -6.61
N PHE B 47 24.45 8.52 -5.96
CA PHE B 47 25.03 8.33 -4.63
C PHE B 47 26.40 7.69 -4.78
N LEU B 48 27.38 8.20 -4.07
CA LEU B 48 28.72 7.58 -4.10
C LEU B 48 29.42 7.72 -2.77
N GLU B 49 30.34 6.81 -2.50
CA GLU B 49 31.10 6.85 -1.26
C GLU B 49 31.91 8.14 -1.24
N ARG B 50 31.74 8.90 -0.15
CA ARG B 50 32.41 10.18 0.03
C ARG B 50 33.91 9.98 0.21
N THR B 51 34.69 10.87 -0.40
CA THR B 51 36.13 10.88 -0.23
C THR B 51 36.56 12.27 0.23
N ASP B 52 36.52 13.26 -0.66
CA ASP B 52 37.00 14.62 -0.37
C ASP B 52 35.90 15.68 -0.35
N GLU B 53 34.64 15.26 -0.51
CA GLU B 53 33.55 16.22 -0.66
C GLU B 53 33.25 16.88 0.69
N ASP B 54 32.97 18.17 0.64
CA ASP B 54 32.67 18.92 1.84
C ASP B 54 31.34 18.52 2.47
N SER B 55 30.30 18.41 1.64
CA SER B 55 28.96 18.08 2.08
C SER B 55 28.55 16.69 1.64
N TYR B 56 27.92 15.96 2.54
CA TYR B 56 27.57 14.57 2.34
C TYR B 56 26.60 14.09 3.40
N ILE B 57 25.98 12.95 3.16
CA ILE B 57 25.07 12.34 4.13
C ILE B 57 25.80 11.25 4.91
N VAL B 58 25.36 11.04 6.15
CA VAL B 58 25.95 10.00 7.01
C VAL B 58 24.82 9.16 7.57
N PHE B 59 24.78 7.88 7.20
CA PHE B 59 23.86 6.92 7.81
C PHE B 59 24.39 6.65 9.21
N THR B 60 23.63 7.06 10.22
CA THR B 60 24.13 7.08 11.58
C THR B 60 23.25 6.24 12.49
N TYR B 61 23.90 5.33 13.22
CA TYR B 61 23.21 4.43 14.14
C TYR B 61 22.80 5.23 15.38
N ARG B 62 21.51 5.56 15.44
CA ARG B 62 20.96 6.33 16.56
CA ARG B 62 20.94 6.46 16.46
C ARG B 62 19.43 6.28 16.55
N PRO B 63 18.79 6.81 17.64
CA PRO B 63 17.34 6.69 17.72
C PRO B 63 16.60 7.33 16.54
N CYS B 64 15.49 6.72 16.14
CA CYS B 64 14.67 7.21 15.03
C CYS B 64 14.07 8.59 15.37
N GLY B 65 14.35 9.58 14.52
CA GLY B 65 14.08 11.00 14.81
C GLY B 65 12.91 11.62 14.08
N CYS B 66 12.45 12.78 14.57
CA CYS B 66 11.27 13.46 14.04
C CYS B 66 11.53 14.19 12.72
N CYS B 67 12.60 14.96 12.71
CA CYS B 67 12.66 16.17 11.90
C CYS B 67 13.89 16.18 10.97
N SER B 68 13.92 15.23 10.04
CA SER B 68 15.04 15.03 9.08
C SER B 68 15.30 16.30 8.21
N TYR B 69 16.56 16.61 7.87
CA TYR B 69 16.86 17.79 7.02
C TYR B 69 16.46 17.54 5.58
N VAL B 70 15.82 18.53 4.97
CA VAL B 70 15.30 18.43 3.62
C VAL B 70 16.25 19.12 2.64
N GLY B 71 16.81 18.34 1.72
CA GLY B 71 17.77 18.82 0.75
C GLY B 71 19.18 18.85 1.32
N ARG B 72 20.06 19.54 0.62
CA ARG B 72 21.47 19.66 0.98
C ARG B 72 21.66 20.80 1.97
N ARG B 73 22.11 20.49 3.18
CA ARG B 73 22.36 21.54 4.16
C ARG B 73 23.57 22.38 3.78
N GLY B 74 24.62 21.70 3.32
CA GLY B 74 25.85 22.37 2.96
C GLY B 74 26.74 22.56 4.17
N GLY B 75 28.00 22.85 3.92
CA GLY B 75 28.96 23.16 4.97
C GLY B 75 29.36 22.00 5.86
N GLY B 76 29.19 20.76 5.40
CA GLY B 76 29.58 19.59 6.16
C GLY B 76 28.59 18.44 6.09
N PRO B 77 28.79 17.42 6.93
CA PRO B 77 27.90 16.27 6.90
C PRO B 77 26.51 16.55 7.45
N GLN B 78 25.56 15.72 7.06
CA GLN B 78 24.22 15.75 7.64
C GLN B 78 23.81 14.31 7.91
N ALA B 79 23.27 14.08 9.10
CA ALA B 79 22.99 12.73 9.56
C ALA B 79 21.63 12.23 9.11
N ILE B 80 21.55 10.96 8.72
CA ILE B 80 20.29 10.23 8.61
C ILE B 80 20.28 9.26 9.78
N SER B 81 19.34 9.47 10.71
CA SER B 81 19.24 8.66 11.92
C SER B 81 18.53 7.36 11.63
N ILE B 82 19.25 6.25 11.77
CA ILE B 82 18.70 4.92 11.53
C ILE B 82 18.83 4.12 12.82
N GLY B 83 17.70 3.64 13.30
CA GLY B 83 17.63 2.78 14.49
C GLY B 83 16.81 1.55 14.23
N LYS B 84 16.57 0.79 15.31
CA LYS B 84 15.83 -0.49 15.26
C LYS B 84 14.48 -0.40 14.56
N ASN B 85 13.74 0.67 14.84
CA ASN B 85 12.37 0.85 14.31
C ASN B 85 12.27 1.45 12.91
N CYS B 86 13.40 1.85 12.32
CA CYS B 86 13.37 2.64 11.08
C CYS B 86 14.52 2.32 10.14
N ASP B 87 14.78 1.03 9.92
CA ASP B 87 15.90 0.59 9.07
C ASP B 87 15.53 -0.17 7.80
N LYS B 88 14.23 -0.33 7.54
CA LYS B 88 13.78 -1.08 6.36
C LYS B 88 13.90 -0.25 5.10
N PHE B 89 14.05 -0.97 3.98
CA PHE B 89 14.19 -0.40 2.63
C PHE B 89 13.29 0.80 2.38
N GLY B 90 11.99 0.61 2.53
CA GLY B 90 10.99 1.66 2.26
C GLY B 90 11.15 2.89 3.12
N ILE B 91 11.47 2.68 4.39
CA ILE B 91 11.71 3.78 5.32
C ILE B 91 12.97 4.56 4.90
N VAL B 92 14.01 3.83 4.49
CA VAL B 92 15.26 4.49 4.06
C VAL B 92 15.02 5.26 2.75
N VAL B 93 14.23 4.68 1.84
CA VAL B 93 13.84 5.38 0.61
C VAL B 93 13.14 6.70 0.94
N HIS B 94 12.21 6.65 1.91
CA HIS B 94 11.55 7.88 2.42
C HIS B 94 12.56 8.92 2.95
N GLU B 95 13.47 8.48 3.82
CA GLU B 95 14.51 9.38 4.35
C GLU B 95 15.37 9.98 3.24
N LEU B 96 15.70 9.16 2.24
CA LEU B 96 16.45 9.66 1.10
C LEU B 96 15.64 10.65 0.28
N GLY B 97 14.30 10.49 0.26
CA GLY B 97 13.41 11.52 -0.25
C GLY B 97 13.59 12.87 0.42
N HIS B 98 13.70 12.90 1.74
CA HIS B 98 14.06 14.13 2.44
C HIS B 98 15.42 14.66 1.96
N VAL B 99 16.43 13.79 1.89
CA VAL B 99 17.77 14.18 1.44
C VAL B 99 17.76 14.87 0.07
N VAL B 100 17.01 14.32 -0.88
CA VAL B 100 17.01 14.87 -2.26
CA VAL B 100 16.96 14.82 -2.25
C VAL B 100 16.22 16.17 -2.33
N GLY B 101 15.33 16.41 -1.36
CA GLY B 101 14.61 17.70 -1.22
C GLY B 101 13.09 17.70 -1.11
N PHE B 102 12.49 16.59 -0.65
CA PHE B 102 11.04 16.50 -0.47
CA PHE B 102 11.05 16.52 -0.46
C PHE B 102 10.67 16.66 1.01
N TRP B 103 9.69 17.52 1.27
CA TRP B 103 9.00 17.54 2.56
C TRP B 103 7.90 16.46 2.49
N HIS B 104 7.17 16.29 3.59
CA HIS B 104 6.05 15.33 3.60
C HIS B 104 4.93 15.80 2.68
N GLU B 105 4.36 14.86 1.92
CA GLU B 105 3.33 15.16 0.94
C GLU B 105 2.12 15.87 1.54
N HIS B 106 1.69 15.44 2.73
CA HIS B 106 0.50 15.99 3.38
C HIS B 106 0.69 17.45 3.85
N THR B 107 1.91 17.96 3.79
CA THR B 107 2.19 19.37 4.10
C THR B 107 2.22 20.27 2.86
N ARG B 108 1.93 19.73 1.67
CA ARG B 108 1.79 20.59 0.48
C ARG B 108 0.81 21.74 0.76
N PRO B 109 1.08 22.94 0.22
CA PRO B 109 0.15 24.04 0.47
C PRO B 109 -1.28 23.82 -0.04
N ASP B 110 -1.47 22.92 -1.01
CA ASP B 110 -2.80 22.58 -1.53
C ASP B 110 -3.43 21.34 -0.89
N ARG B 111 -2.86 20.85 0.21
CA ARG B 111 -3.27 19.57 0.77
C ARG B 111 -4.73 19.53 1.23
N ASP B 112 -5.30 20.67 1.63
CA ASP B 112 -6.69 20.69 2.09
C ASP B 112 -7.72 20.39 1.00
N ARG B 113 -7.32 20.46 -0.27
CA ARG B 113 -8.15 20.00 -1.38
CA ARG B 113 -8.15 20.00 -1.37
C ARG B 113 -8.28 18.47 -1.39
N HIS B 114 -7.26 17.78 -0.87
CA HIS B 114 -7.10 16.34 -1.04
C HIS B 114 -7.27 15.47 0.20
N VAL B 115 -6.88 15.99 1.37
CA VAL B 115 -7.03 15.25 2.63
C VAL B 115 -7.62 16.14 3.72
N SER B 116 -8.25 15.48 4.69
CA SER B 116 -8.71 16.09 5.92
C SER B 116 -7.80 15.67 7.04
N ILE B 117 -7.41 16.63 7.88
CA ILE B 117 -6.68 16.34 9.10
C ILE B 117 -7.69 16.20 10.24
N VAL B 118 -7.71 15.04 10.88
CA VAL B 118 -8.64 14.76 11.97
C VAL B 118 -7.94 15.16 13.26
N ARG B 119 -8.13 16.44 13.61
CA ARG B 119 -7.36 17.08 14.67
CA ARG B 119 -7.34 17.07 14.67
C ARG B 119 -7.62 16.47 16.05
N GLU B 120 -8.85 16.03 16.29
CA GLU B 120 -9.20 15.37 17.57
C GLU B 120 -8.42 14.05 17.84
N ASN B 121 -7.91 13.41 16.78
CA ASN B 121 -7.16 12.15 16.93
C ASN B 121 -5.63 12.30 17.00
N ILE B 122 -5.10 13.51 16.84
CA ILE B 122 -3.66 13.73 16.92
C ILE B 122 -3.19 13.63 18.37
N GLN B 123 -2.11 12.87 18.60
CA GLN B 123 -1.45 12.82 19.93
C GLN B 123 -1.16 14.25 20.38
N PRO B 124 -1.60 14.62 21.60
CA PRO B 124 -1.27 15.98 22.04
C PRO B 124 0.24 16.25 21.99
N GLY B 125 0.62 17.42 21.49
CA GLY B 125 2.02 17.75 21.26
C GLY B 125 2.60 17.36 19.91
N GLN B 126 1.85 16.60 19.09
CA GLN B 126 2.31 16.20 17.75
C GLN B 126 1.61 16.94 16.60
N GLU B 127 0.87 18.00 16.92
CA GLU B 127 0.12 18.78 15.93
C GLU B 127 1.02 19.45 14.90
N TYR B 128 2.22 19.85 15.35
CA TYR B 128 3.21 20.51 14.48
C TYR B 128 3.57 19.68 13.23
N ASN B 129 3.50 18.35 13.34
CA ASN B 129 3.77 17.45 12.23
C ASN B 129 2.75 17.54 11.09
N PHE B 130 1.58 18.15 11.36
CA PHE B 130 0.51 18.26 10.37
C PHE B 130 0.33 19.65 9.78
N LEU B 131 1.13 20.62 10.21
CA LEU B 131 1.03 21.98 9.67
C LEU B 131 1.46 22.02 8.21
N LYS B 132 0.71 22.76 7.39
CA LYS B 132 1.11 22.98 6.00
C LYS B 132 2.42 23.78 5.90
N MET B 133 3.21 23.50 4.87
CA MET B 133 4.34 24.35 4.51
C MET B 133 3.76 25.62 3.89
N GLU B 134 4.43 26.75 4.09
CA GLU B 134 4.10 27.97 3.37
C GLU B 134 4.41 27.77 1.89
N PRO B 135 3.59 28.37 0.99
CA PRO B 135 3.88 28.25 -0.44
C PRO B 135 5.30 28.63 -0.84
N GLN B 136 5.88 29.62 -0.16
CA GLN B 136 7.27 30.05 -0.43
C GLN B 136 8.30 28.92 -0.30
N GLU B 137 8.01 27.91 0.52
CA GLU B 137 8.93 26.78 0.74
C GLU B 137 8.77 25.61 -0.22
N VAL B 138 7.69 25.58 -0.99
CA VAL B 138 7.36 24.45 -1.84
C VAL B 138 7.12 24.89 -3.28
N GLU B 139 7.70 24.15 -4.21
CA GLU B 139 7.39 24.29 -5.63
C GLU B 139 7.04 22.91 -6.14
N SER B 140 5.76 22.68 -6.41
CA SER B 140 5.30 21.34 -6.79
C SER B 140 5.61 20.94 -8.23
N LEU B 141 6.08 21.90 -9.04
CA LEU B 141 6.55 21.64 -10.41
C LEU B 141 5.45 21.07 -11.30
N GLY B 142 4.23 21.56 -11.09
CA GLY B 142 3.08 21.18 -11.91
C GLY B 142 2.53 19.78 -11.64
N GLU B 143 2.99 19.15 -10.56
CA GLU B 143 2.63 17.76 -10.25
C GLU B 143 1.48 17.76 -9.26
N THR B 144 0.51 16.87 -9.48
CA THR B 144 -0.67 16.78 -8.63
C THR B 144 -0.30 16.11 -7.31
N TYR B 145 -1.14 16.34 -6.32
CA TYR B 145 -1.03 15.75 -4.98
C TYR B 145 -1.02 14.23 -5.10
N ASP B 146 -0.01 13.59 -4.49
CA ASP B 146 0.28 12.17 -4.70
C ASP B 146 -0.01 11.35 -3.44
N PHE B 147 -1.20 10.77 -3.39
CA PHE B 147 -1.59 9.87 -2.28
C PHE B 147 -0.64 8.67 -2.13
N ASP B 148 -0.07 8.23 -3.25
CA ASP B 148 0.81 7.06 -3.28
CA ASP B 148 0.81 7.06 -3.26
C ASP B 148 2.28 7.41 -3.01
N SER B 149 2.59 8.68 -2.71
CA SER B 149 3.99 9.08 -2.50
C SER B 149 4.63 8.32 -1.35
N ILE B 150 5.89 7.93 -1.51
CA ILE B 150 6.71 7.42 -0.40
C ILE B 150 6.85 8.46 0.72
N MET B 151 6.58 9.74 0.42
CA MET B 151 6.60 10.81 1.41
C MET B 151 5.26 11.08 2.08
N HIS B 152 4.21 10.32 1.77
CA HIS B 152 2.89 10.54 2.37
C HIS B 152 2.76 9.76 3.67
N TYR B 153 2.36 10.46 4.72
CA TYR B 153 2.00 9.80 5.99
C TYR B 153 0.94 8.73 5.82
N ALA B 154 1.00 7.71 6.67
CA ALA B 154 -0.09 6.76 6.78
C ALA B 154 -1.31 7.41 7.45
N ARG B 155 -2.43 6.71 7.37
CA ARG B 155 -3.71 7.24 7.84
C ARG B 155 -3.77 7.52 9.35
N ASN B 156 -2.90 6.85 10.12
CA ASN B 156 -2.94 6.85 11.59
C ASN B 156 -1.62 7.32 12.21
N THR B 157 -0.84 8.08 11.44
CA THR B 157 0.45 8.56 11.92
C THR B 157 0.19 9.54 13.06
N PHE B 158 0.97 9.43 14.13
CA PHE B 158 0.85 10.25 15.35
C PHE B 158 -0.57 10.28 15.96
N SER B 159 -1.27 9.17 15.85
CA SER B 159 -2.65 9.08 16.33
C SER B 159 -2.71 8.65 17.79
N ARG B 160 -3.77 9.09 18.48
CA ARG B 160 -4.08 8.60 19.82
C ARG B 160 -4.29 7.08 19.86
N GLY B 161 -4.68 6.48 18.72
CA GLY B 161 -4.86 5.02 18.64
C GLY B 161 -4.65 4.52 17.23
N ILE B 162 -4.27 3.25 17.09
CA ILE B 162 -3.94 2.70 15.76
C ILE B 162 -5.11 2.68 14.77
N PHE B 163 -6.36 2.63 15.28
CA PHE B 163 -7.55 2.65 14.44
C PHE B 163 -8.32 3.98 14.48
N LEU B 164 -7.65 5.03 14.95
CA LEU B 164 -8.17 6.38 14.89
C LEU B 164 -7.35 7.11 13.83
N ASP B 165 -8.00 7.50 12.75
CA ASP B 165 -7.32 8.16 11.62
C ASP B 165 -6.98 9.60 11.95
N THR B 166 -5.77 10.01 11.60
CA THR B 166 -5.38 11.43 11.65
C THR B 166 -5.43 12.10 10.28
N ILE B 167 -5.38 11.30 9.21
CA ILE B 167 -5.46 11.83 7.83
C ILE B 167 -6.44 10.96 7.03
N VAL B 168 -7.42 11.62 6.40
CA VAL B 168 -8.46 10.94 5.63
C VAL B 168 -8.55 11.60 4.25
N PRO B 169 -8.26 10.85 3.17
CA PRO B 169 -8.45 11.43 1.83
C PRO B 169 -9.90 11.85 1.63
N LYS B 170 -10.08 12.97 0.95
CA LYS B 170 -11.39 13.64 0.87
C LYS B 170 -12.36 13.05 -0.15
N TYR B 171 -11.85 12.29 -1.12
CA TYR B 171 -12.70 11.77 -2.18
C TYR B 171 -12.30 10.36 -2.64
N GLU B 172 -13.26 9.70 -3.28
CA GLU B 172 -13.05 8.38 -3.84
C GLU B 172 -12.47 8.54 -5.25
N VAL B 173 -11.68 7.56 -5.67
CA VAL B 173 -11.18 7.45 -7.03
C VAL B 173 -11.70 6.11 -7.56
N ASN B 174 -12.60 6.16 -8.54
CA ASN B 174 -13.27 4.96 -9.09
C ASN B 174 -13.94 4.11 -8.00
N GLY B 175 -14.60 4.78 -7.05
CA GLY B 175 -15.35 4.12 -5.97
C GLY B 175 -14.60 3.84 -4.68
N VAL B 176 -13.28 4.02 -4.69
CA VAL B 176 -12.43 3.65 -3.55
C VAL B 176 -11.57 4.84 -3.15
N LYS B 177 -11.51 5.13 -1.85
CA LYS B 177 -10.59 6.15 -1.34
C LYS B 177 -9.15 5.67 -1.51
N PRO B 178 -8.27 6.54 -2.04
CA PRO B 178 -6.91 6.09 -2.29
C PRO B 178 -6.21 5.74 -0.97
N PRO B 179 -5.45 4.63 -0.94
CA PRO B 179 -4.67 4.34 0.25
C PRO B 179 -3.48 5.27 0.36
N ILE B 180 -3.04 5.52 1.59
CA ILE B 180 -1.89 6.39 1.87
C ILE B 180 -0.93 5.68 2.82
N GLY B 181 0.33 6.07 2.77
CA GLY B 181 1.34 5.54 3.69
C GLY B 181 2.17 4.38 3.17
N GLN B 182 2.18 4.14 1.87
CA GLN B 182 2.97 3.04 1.31
C GLN B 182 4.48 3.26 1.52
N ARG B 183 5.19 2.21 1.91
CA ARG B 183 6.64 2.26 2.05
C ARG B 183 7.27 1.05 1.37
N THR B 184 6.90 0.87 0.10
CA THR B 184 7.35 -0.25 -0.73
C THR B 184 8.36 0.23 -1.76
N ARG B 185 8.01 1.30 -2.48
CA ARG B 185 8.84 1.83 -3.56
C ARG B 185 8.45 3.27 -3.91
N LEU B 186 9.30 3.94 -4.65
CA LEU B 186 8.99 5.27 -5.18
C LEU B 186 7.76 5.17 -6.08
N SER B 187 6.79 6.05 -5.86
CA SER B 187 5.60 6.11 -6.72
C SER B 187 5.93 6.73 -8.06
N LYS B 188 5.04 6.55 -9.03
CA LYS B 188 5.16 7.21 -10.33
C LYS B 188 5.26 8.73 -10.17
N GLY B 189 4.48 9.27 -9.23
CA GLY B 189 4.50 10.69 -8.90
C GLY B 189 5.82 11.15 -8.31
N ASP B 190 6.39 10.36 -7.40
CA ASP B 190 7.71 10.68 -6.80
C ASP B 190 8.78 10.76 -7.89
N ILE B 191 8.76 9.79 -8.78
CA ILE B 191 9.74 9.69 -9.87
C ILE B 191 9.61 10.88 -10.82
N ALA B 192 8.40 11.12 -11.30
CA ALA B 192 8.14 12.23 -12.24
C ALA B 192 8.58 13.56 -11.64
N GLN B 193 8.28 13.76 -10.36
CA GLN B 193 8.58 15.01 -9.68
C GLN B 193 10.08 15.16 -9.36
N ALA B 194 10.70 14.09 -8.89
CA ALA B 194 12.18 14.10 -8.67
C ALA B 194 12.93 14.42 -9.96
N ARG B 195 12.46 13.87 -11.08
CA ARG B 195 13.06 14.14 -12.38
C ARG B 195 12.97 15.60 -12.78
N LYS B 196 11.83 16.24 -12.50
CA LYS B 196 11.69 17.68 -12.73
C LYS B 196 12.60 18.46 -11.79
N LEU B 197 12.62 18.09 -10.52
CA LEU B 197 13.45 18.77 -9.53
C LEU B 197 14.93 18.79 -9.90
N TYR B 198 15.45 17.65 -10.38
CA TYR B 198 16.85 17.49 -10.75
C TYR B 198 17.15 17.69 -12.25
N LYS B 199 16.14 18.15 -12.99
CA LYS B 199 16.24 18.50 -14.40
C LYS B 199 16.86 17.36 -15.18
N CYS B 200 16.38 16.15 -14.93
CA CYS B 200 16.96 14.95 -15.49
C CYS B 200 16.72 14.87 -16.98
N PRO B 201 17.76 14.48 -17.77
CA PRO B 201 17.58 14.27 -19.20
C PRO B 201 16.49 13.25 -19.52
N ALA B 202 15.55 13.62 -20.39
CA ALA B 202 14.46 12.72 -20.79
C ALA B 202 14.97 11.69 -21.78
S SCN C . -3.87 -12.35 -2.60
C SCN C . -2.36 -12.99 -2.27
N SCN C . -1.31 -13.44 -2.07
S SCN D . 12.10 -11.79 10.52
C SCN D . 12.13 -11.85 12.20
N SCN D . 12.12 -11.89 13.36
ZN ZN E . -7.44 -9.07 -1.06
ZN ZN F . -15.79 -17.19 4.10
C14 E8S G . -6.53 -5.10 -0.51
O17 E8S G . -1.61 -5.42 -0.98
N19 E8S G . -2.59 -7.67 -1.19
C23 E8S G . -1.71 -9.39 0.41
C24 E8S G . -0.38 -9.62 0.06
C28 E8S G . -0.57 -11.89 0.74
C30 E8S G . -1.46 -13.85 1.30
O33 E8S G . -2.43 -12.84 1.58
C01 E8S G . -7.68 -3.97 2.74
O05 E8S G . -7.59 -4.23 1.33
C06 E8S G . -6.38 -4.63 0.78
C07 E8S G . -5.12 -4.59 1.37
C09 E8S G . -4.03 -5.03 0.67
C11 E8S G . -4.18 -5.50 -0.62
C12 E8S G . -5.43 -5.53 -1.22
S16 E8S G . -2.77 -6.08 -1.52
O18 E8S G . -3.05 -5.94 -2.91
C20 E8S G . -2.32 -8.02 0.23
C26 E8S G . 0.21 -10.88 0.22
O29 E8S G . -0.23 -13.20 0.99
C34 E8S G . -1.89 -11.68 1.09
C35 E8S G . -2.47 -10.44 0.93
C37 E8S G . -3.23 -8.70 -2.04
C39 E8S G . -2.81 -8.78 -3.52
C42 E8S G . -1.32 -9.02 -3.61
C43 E8S G . -0.67 -10.21 -3.70
C45 E8S G . 0.75 -10.05 -3.77
C47 E8S G . 1.12 -8.76 -3.72
S49 E8S G . -0.22 -7.71 -3.59
C50 E8S G . -4.79 -8.64 -1.88
O51 E8S G . -5.27 -8.88 -0.78
N52 E8S G . -5.53 -8.31 -2.93
O54 E8S G . -6.91 -8.24 -2.79
C1 EDO H . -10.34 -5.04 -1.21
O1 EDO H . -9.58 -3.82 -1.24
C2 EDO H . -10.94 -5.20 0.19
O2 EDO H . -9.97 -5.70 1.11
S SCN I . -5.98 -5.84 15.44
C SCN I . -7.58 -5.32 15.55
N SCN I . -8.67 -4.96 15.58
S SCN J . 14.68 24.44 -7.06
C SCN J . 13.16 24.30 -7.80
N SCN J . 12.16 24.22 -8.35
ZN ZN K . 4.76 14.81 -4.45
ZN ZN L . 9.67 11.88 6.86
C1 EDO M . 29.80 18.35 -2.50
O1 EDO M . 30.13 19.14 -1.35
C2 EDO M . 28.37 17.81 -2.36
O2 EDO M . 27.38 18.63 -3.00
C1 EDO N . 20.09 20.16 -10.56
O1 EDO N . 19.75 21.20 -11.49
C2 EDO N . 21.55 19.81 -10.71
O2 EDO N . 22.40 20.82 -10.15
C1 EDO O . 25.16 2.50 -3.38
O1 EDO O . 25.64 1.50 -4.28
C2 EDO O . 25.10 3.85 -4.09
O2 EDO O . 26.41 4.28 -4.52
#